data_6ZDR
#
_entry.id   6ZDR
#
_cell.length_a   39.263
_cell.length_b   180.226
_cell.length_c   140.001
_cell.angle_alpha   90
_cell.angle_beta   90
_cell.angle_gamma   90
#
_symmetry.space_group_name_H-M   'C 2 2 21'
#
loop_
_entity.id
_entity.type
_entity.pdbx_description
1 polymer 'Adenosine receptor A2a,Soluble cytochrome b562,Adenosine receptor A2a'
2 non-polymer '[3-(4-methyl-1,3-thiazol-2-yl)-4-oxidanylidene-6-propyl-chromen-7-yl] ethanoate'
3 non-polymer 'SODIUM ION'
4 non-polymer CHOLESTEROL
5 non-polymer 'OLEIC ACID'
6 non-polymer '(2R)-2,3-dihydroxypropyl (9Z)-octadec-9-enoate'
7 water water
#
_entity_poly.entity_id   1
_entity_poly.type   'polypeptide(L)'
_entity_poly.pdbx_seq_one_letter_code
;DYKDDDDGAPPIMGSSVYITVELAIAVLAILGNVLVCWAVWLNSNLQNVTNYFVVSLAAADILVGVLAIPFAITISTGFC
AACHGCLFIACFVLVLAQSSIFSLLAIAIDRYIAIAIPLRYNGLVTGTRAAGIIAICWVLSFAIGLTPMLGWNNCGQPKE
GKAHSQGCGEGQVACLFEDVVPMNYMVYFNFFACVLVPLLLMLGVYLRIFAAARRQLADLEDNWETLNDNLKVIEKADNA
AQVKDALTKMRAAALDAQKATPPKLEDKSPDSPEMKDFRHGFDILVGQIDDALKLANEGKVKEAQAAAEQLKTTRNAYIQ
KYLERARSTLQKEVHAAKSAAIIAGLFALCWLPLHIINCFTFFCPDCSHAPLWLMYLAIVLAHTNSVVNPFIYAYRIREF
RQTFRKIIRSHVLRQQEPFKAAAHHHHHHHHHH
;
_entity_poly.pdbx_strand_id   A
#
# COMPACT_ATOMS: atom_id res chain seq x y z
N ALA A 9 -35.61 -1.39 24.90
CA ALA A 9 -36.21 -2.15 23.83
C ALA A 9 -35.66 -3.55 23.61
N PRO A 10 -36.47 -4.43 23.00
CA PRO A 10 -36.07 -5.79 22.70
C PRO A 10 -34.79 -5.75 21.90
N PRO A 11 -33.81 -6.55 22.33
CA PRO A 11 -32.51 -6.61 21.66
C PRO A 11 -32.55 -7.02 20.20
N ILE A 12 -33.52 -7.80 19.77
CA ILE A 12 -33.66 -8.17 18.39
C ILE A 12 -33.89 -6.99 17.43
N MET A 13 -34.38 -5.86 17.90
CA MET A 13 -34.57 -4.75 17.01
C MET A 13 -33.26 -4.04 16.68
N GLY A 14 -32.50 -3.67 17.67
CA GLY A 14 -31.22 -3.04 17.41
C GLY A 14 -30.29 -4.07 16.80
N SER A 15 -30.36 -5.28 17.32
CA SER A 15 -29.60 -6.39 16.66
CA SER A 15 -29.56 -6.35 16.66
C SER A 15 -29.83 -6.71 15.11
N SER A 16 -31.07 -6.35 14.77
CA SER A 16 -31.60 -6.47 13.38
CA SER A 16 -31.55 -6.52 13.37
C SER A 16 -31.00 -5.46 12.26
N VAL A 17 -30.78 -4.28 12.82
CA VAL A 17 -30.22 -3.18 12.08
C VAL A 17 -28.72 -3.50 11.89
N TYR A 18 -28.03 -3.81 12.97
CA TYR A 18 -26.63 -4.18 12.94
C TYR A 18 -26.43 -5.35 11.98
N ILE A 19 -27.18 -6.41 12.15
CA ILE A 19 -27.08 -7.56 11.29
C ILE A 19 -27.32 -7.24 9.82
N THR A 20 -28.35 -6.44 9.54
CA THR A 20 -28.67 -6.06 8.18
C THR A 20 -27.53 -5.32 7.54
N VAL A 21 -26.99 -4.35 8.24
CA VAL A 21 -25.86 -3.58 7.79
C VAL A 21 -24.63 -4.49 7.54
N GLU A 22 -24.36 -5.42 8.43
CA GLU A 22 -23.25 -6.34 8.27
C GLU A 22 -23.43 -7.16 7.00
N LEU A 23 -24.62 -7.68 6.80
CA LEU A 23 -24.93 -8.44 5.62
C LEU A 23 -24.74 -7.66 4.31
N ALA A 24 -25.15 -6.41 4.29
CA ALA A 24 -24.99 -5.56 3.15
C ALA A 24 -23.49 -5.36 2.83
N ILE A 25 -22.71 -5.11 3.88
CA ILE A 25 -21.26 -4.97 3.78
C ILE A 25 -20.63 -6.25 3.21
N ALA A 26 -21.01 -7.40 3.73
CA ALA A 26 -20.54 -8.67 3.25
C ALA A 26 -20.76 -8.83 1.74
N VAL A 27 -21.96 -8.54 1.29
CA VAL A 27 -22.27 -8.64 -0.12
C VAL A 27 -21.34 -7.78 -0.96
N LEU A 28 -21.21 -6.54 -0.58
CA LEU A 28 -20.39 -5.59 -1.27
C LEU A 28 -18.90 -5.95 -1.25
N ALA A 29 -18.42 -6.47 -0.13
CA ALA A 29 -17.03 -6.86 0.00
C ALA A 29 -16.71 -8.00 -0.95
N ILE A 30 -17.59 -8.99 -1.00
CA ILE A 30 -17.44 -10.14 -1.87
C ILE A 30 -17.45 -9.73 -3.35
N LEU A 31 -18.46 -9.01 -3.76
CA LEU A 31 -18.61 -8.57 -5.12
C LEU A 31 -17.44 -7.77 -5.65
N GLY A 32 -17.08 -6.72 -4.96
CA GLY A 32 -16.02 -5.88 -5.40
C GLY A 32 -14.70 -6.59 -5.45
N ASN A 33 -14.43 -7.39 -4.44
CA ASN A 33 -13.17 -8.08 -4.39
C ASN A 33 -13.05 -9.26 -5.34
N VAL A 34 -14.14 -9.94 -5.62
CA VAL A 34 -14.13 -11.00 -6.61
C VAL A 34 -13.79 -10.36 -7.96
N LEU A 35 -14.32 -9.17 -8.20
CA LEU A 35 -14.05 -8.44 -9.40
C LEU A 35 -12.58 -8.05 -9.51
N VAL A 36 -11.97 -7.64 -8.42
CA VAL A 36 -10.57 -7.34 -8.44
C VAL A 36 -9.78 -8.59 -8.86
N CYS A 37 -10.08 -9.74 -8.23
CA CYS A 37 -9.43 -11.02 -8.48
C CYS A 37 -9.61 -11.44 -9.90
N TRP A 38 -10.82 -11.24 -10.44
CA TRP A 38 -11.14 -11.54 -11.85
CA TRP A 38 -11.15 -11.54 -11.85
C TRP A 38 -10.41 -10.74 -13.02
N ALA A 39 -10.19 -9.49 -12.65
CA ALA A 39 -9.52 -8.51 -13.45
C ALA A 39 -8.05 -8.88 -13.53
N VAL A 40 -7.47 -9.24 -12.40
CA VAL A 40 -6.07 -9.63 -12.37
C VAL A 40 -5.89 -10.93 -13.12
N TRP A 41 -6.77 -11.88 -12.91
CA TRP A 41 -6.69 -13.13 -13.58
C TRP A 41 -6.82 -13.00 -15.10
N LEU A 42 -7.71 -12.14 -15.57
CA LEU A 42 -7.94 -11.96 -16.99
C LEU A 42 -6.95 -11.10 -17.74
N ASN A 43 -6.52 -10.01 -17.15
CA ASN A 43 -5.63 -9.08 -17.80
C ASN A 43 -4.15 -9.19 -17.50
N SER A 44 -3.41 -9.67 -18.49
CA SER A 44 -1.97 -9.83 -18.36
C SER A 44 -1.20 -8.52 -18.07
N ASN A 45 -1.72 -7.34 -18.44
CA ASN A 45 -1.11 -6.07 -18.04
C ASN A 45 -1.27 -5.78 -16.51
N LEU A 46 -2.16 -6.52 -15.85
CA LEU A 46 -2.40 -6.37 -14.42
C LEU A 46 -1.68 -7.46 -13.68
N GLN A 47 -1.05 -8.36 -14.39
CA GLN A 47 -0.31 -9.42 -13.75
C GLN A 47 1.15 -9.05 -13.48
N ASN A 48 1.40 -8.53 -12.30
CA ASN A 48 2.70 -8.13 -11.86
C ASN A 48 2.79 -8.36 -10.35
N VAL A 49 3.98 -8.25 -9.79
CA VAL A 49 4.19 -8.49 -8.37
C VAL A 49 3.32 -7.65 -7.47
N THR A 50 3.22 -6.36 -7.75
CA THR A 50 2.41 -5.45 -6.97
C THR A 50 0.99 -5.98 -6.85
N ASN A 51 0.44 -6.40 -7.96
CA ASN A 51 -0.88 -6.89 -8.03
C ASN A 51 -1.11 -8.25 -7.40
N TYR A 52 -0.07 -9.04 -7.22
CA TYR A 52 -0.24 -10.28 -6.52
C TYR A 52 -0.56 -10.00 -5.03
N PHE A 53 0.03 -8.96 -4.47
CA PHE A 53 -0.26 -8.55 -3.12
C PHE A 53 -1.67 -7.94 -3.07
N VAL A 54 -2.07 -7.26 -4.13
CA VAL A 54 -3.41 -6.69 -4.27
C VAL A 54 -4.43 -7.83 -4.22
N VAL A 55 -4.13 -8.92 -4.90
CA VAL A 55 -4.98 -10.09 -4.87
C VAL A 55 -5.02 -10.73 -3.49
N SER A 56 -3.89 -10.79 -2.80
CA SER A 56 -3.86 -11.34 -1.46
C SER A 56 -4.78 -10.49 -0.54
N LEU A 57 -4.71 -9.20 -0.71
CA LEU A 57 -5.50 -8.22 0.02
C LEU A 57 -6.98 -8.41 -0.34
N ALA A 58 -7.27 -8.57 -1.62
CA ALA A 58 -8.62 -8.85 -2.06
C ALA A 58 -9.14 -10.15 -1.46
N ALA A 59 -8.30 -11.16 -1.36
CA ALA A 59 -8.71 -12.44 -0.79
C ALA A 59 -9.10 -12.31 0.68
N ALA A 60 -8.35 -11.49 1.37
CA ALA A 60 -8.58 -11.20 2.76
C ALA A 60 -9.94 -10.51 2.91
N ASP A 61 -10.22 -9.59 2.01
CA ASP A 61 -11.50 -8.91 2.04
C ASP A 61 -12.69 -9.83 1.70
N ILE A 62 -12.50 -10.73 0.75
CA ILE A 62 -13.52 -11.70 0.40
C ILE A 62 -13.87 -12.52 1.63
N LEU A 63 -12.86 -12.97 2.37
CA LEU A 63 -13.03 -13.76 3.59
C LEU A 63 -13.67 -13.01 4.76
N VAL A 64 -13.54 -11.70 4.74
CA VAL A 64 -14.23 -10.87 5.71
C VAL A 64 -15.73 -11.04 5.45
N GLY A 65 -16.14 -10.98 4.21
CA GLY A 65 -17.52 -11.18 3.87
C GLY A 65 -18.05 -12.58 4.06
N VAL A 66 -17.29 -13.54 3.61
CA VAL A 66 -17.68 -14.92 3.71
C VAL A 66 -17.65 -15.46 5.13
N LEU A 67 -16.64 -15.10 5.90
CA LEU A 67 -16.45 -15.62 7.24
C LEU A 67 -16.46 -14.63 8.43
N ALA A 68 -15.62 -13.62 8.41
CA ALA A 68 -15.54 -12.68 9.48
C ALA A 68 -16.88 -12.00 9.82
N ILE A 69 -17.63 -11.58 8.83
CA ILE A 69 -18.92 -10.96 9.09
C ILE A 69 -19.93 -11.91 9.72
N PRO A 70 -20.15 -13.09 9.12
CA PRO A 70 -21.01 -14.08 9.76
C PRO A 70 -20.53 -14.42 11.21
N PHE A 71 -19.22 -14.45 11.43
CA PHE A 71 -18.67 -14.69 12.74
C PHE A 71 -19.02 -13.53 13.70
N ALA A 72 -18.86 -12.30 13.24
CA ALA A 72 -19.18 -11.11 14.02
C ALA A 72 -20.67 -11.07 14.43
N ILE A 73 -21.52 -11.46 13.52
CA ILE A 73 -22.94 -11.50 13.78
C ILE A 73 -23.19 -12.52 14.88
N THR A 74 -22.57 -13.67 14.73
CA THR A 74 -22.67 -14.76 15.66
C THR A 74 -22.25 -14.39 17.08
N ILE A 75 -21.10 -13.76 17.21
CA ILE A 75 -20.57 -13.37 18.50
C ILE A 75 -21.35 -12.27 19.20
N SER A 76 -22.07 -11.47 18.43
CA SER A 76 -22.93 -10.41 18.92
C SER A 76 -24.13 -10.98 19.72
N THR A 77 -24.47 -12.22 19.46
CA THR A 77 -25.55 -12.88 20.15
C THR A 77 -25.18 -13.38 21.55
N GLY A 78 -23.89 -13.57 21.80
CA GLY A 78 -23.44 -14.10 23.07
C GLY A 78 -23.87 -15.55 23.29
N PHE A 79 -24.00 -16.31 22.22
CA PHE A 79 -24.42 -17.70 22.26
C PHE A 79 -23.48 -18.60 23.05
N CYS A 80 -24.05 -19.62 23.66
CA CYS A 80 -23.30 -20.57 24.43
C CYS A 80 -22.36 -21.36 23.53
N ALA A 81 -21.12 -21.47 23.95
CA ALA A 81 -20.11 -22.19 23.22
C ALA A 81 -18.94 -22.58 24.08
N ALA A 82 -18.19 -23.56 23.60
CA ALA A 82 -16.97 -23.96 24.25
C ALA A 82 -16.03 -22.78 24.07
N CYS A 83 -15.35 -22.38 25.12
CA CYS A 83 -14.50 -21.23 25.07
C CYS A 83 -13.51 -21.15 23.92
N HIS A 84 -12.86 -22.24 23.55
CA HIS A 84 -11.92 -22.22 22.42
CA HIS A 84 -11.90 -22.20 22.41
C HIS A 84 -12.37 -22.02 20.89
N GLY A 85 -13.61 -22.47 20.76
CA GLY A 85 -14.38 -22.39 19.56
C GLY A 85 -14.81 -20.94 19.49
N CYS A 86 -15.24 -20.42 20.61
CA CYS A 86 -15.58 -19.03 20.75
C CYS A 86 -14.40 -18.14 20.38
N LEU A 87 -13.20 -18.48 20.84
CA LEU A 87 -11.98 -17.77 20.53
C LEU A 87 -11.75 -17.71 19.03
N PHE A 88 -11.97 -18.80 18.33
CA PHE A 88 -11.75 -18.82 16.90
C PHE A 88 -12.68 -17.84 16.20
N ILE A 89 -13.95 -17.90 16.54
CA ILE A 89 -15.01 -17.02 16.04
C ILE A 89 -14.65 -15.55 16.35
N ALA A 90 -14.08 -15.28 17.51
CA ALA A 90 -13.68 -13.96 17.91
C ALA A 90 -12.44 -13.41 17.18
N CYS A 91 -11.42 -14.25 17.01
CA CYS A 91 -10.14 -13.87 16.44
C CYS A 91 -9.85 -14.04 14.97
N PHE A 92 -10.68 -14.79 14.27
CA PHE A 92 -10.42 -14.99 12.88
C PHE A 92 -10.28 -13.68 12.10
N VAL A 93 -11.04 -12.67 12.45
CA VAL A 93 -10.97 -11.36 11.81
C VAL A 93 -9.57 -10.69 11.99
N LEU A 94 -8.92 -11.00 13.08
CA LEU A 94 -7.59 -10.52 13.39
C LEU A 94 -6.60 -11.14 12.42
N VAL A 95 -6.84 -12.36 12.01
CA VAL A 95 -6.00 -13.01 11.03
C VAL A 95 -6.12 -12.25 9.70
N LEU A 96 -7.35 -11.95 9.32
CA LEU A 96 -7.63 -11.23 8.10
C LEU A 96 -7.01 -9.82 8.13
N ALA A 97 -7.15 -9.11 9.23
CA ALA A 97 -6.60 -7.79 9.37
C ALA A 97 -5.08 -7.84 9.29
N GLN A 98 -4.48 -8.82 9.96
CA GLN A 98 -3.03 -8.96 9.96
C GLN A 98 -2.47 -9.21 8.56
N SER A 99 -3.14 -10.06 7.80
CA SER A 99 -2.76 -10.37 6.45
C SER A 99 -2.80 -9.12 5.58
N SER A 100 -3.85 -8.32 5.78
CA SER A 100 -4.02 -7.08 5.09
C SER A 100 -2.83 -6.14 5.35
N ILE A 101 -2.41 -6.05 6.60
CA ILE A 101 -1.29 -5.22 7.01
C ILE A 101 0.00 -5.67 6.30
N PHE A 102 0.22 -6.96 6.26
CA PHE A 102 1.38 -7.51 5.60
C PHE A 102 1.33 -7.17 4.09
N SER A 103 0.19 -7.35 3.46
CA SER A 103 0.01 -7.01 2.06
C SER A 103 0.25 -5.53 1.82
N LEU A 104 -0.31 -4.68 2.64
CA LEU A 104 -0.12 -3.26 2.53
C LEU A 104 1.37 -2.88 2.64
N LEU A 105 2.05 -3.46 3.59
CA LEU A 105 3.46 -3.21 3.78
C LEU A 105 4.28 -3.67 2.57
N ALA A 106 3.94 -4.82 2.04
CA ALA A 106 4.60 -5.37 0.89
C ALA A 106 4.45 -4.43 -0.31
N ILE A 107 3.27 -3.91 -0.51
CA ILE A 107 3.02 -3.01 -1.61
C ILE A 107 3.85 -1.74 -1.48
N ALA A 108 3.97 -1.20 -0.28
CA ALA A 108 4.76 -0.01 -0.07
C ALA A 108 6.22 -0.26 -0.39
N ILE A 109 6.72 -1.40 0.05
CA ILE A 109 8.10 -1.79 -0.18
C ILE A 109 8.37 -2.04 -1.66
N ASP A 110 7.44 -2.68 -2.32
CA ASP A 110 7.54 -2.96 -3.70
C ASP A 110 7.66 -1.66 -4.50
N ARG A 111 6.86 -0.66 -4.17
CA ARG A 111 6.89 0.61 -4.83
C ARG A 111 8.18 1.39 -4.50
N TYR A 112 8.71 1.21 -3.30
CA TYR A 112 9.94 1.85 -2.93
C TYR A 112 11.10 1.24 -3.74
N ILE A 113 11.06 -0.05 -3.95
CA ILE A 113 12.11 -0.70 -4.73
C ILE A 113 12.05 -0.25 -6.19
N ALA A 114 10.85 -0.07 -6.70
CA ALA A 114 10.66 0.38 -8.06
C ALA A 114 11.19 1.77 -8.29
N ILE A 115 11.03 2.67 -7.34
CA ILE A 115 11.51 4.01 -7.52
C ILE A 115 12.97 4.25 -7.16
N ALA A 116 13.49 3.51 -6.19
CA ALA A 116 14.85 3.68 -5.74
C ALA A 116 15.86 3.01 -6.64
N ILE A 117 15.59 1.78 -7.00
CA ILE A 117 16.48 1.02 -7.83
C ILE A 117 15.78 0.31 -8.96
N PRO A 118 15.28 1.08 -9.92
CA PRO A 118 14.55 0.53 -11.06
C PRO A 118 15.35 -0.40 -11.97
N LEU A 119 16.67 -0.25 -12.01
CA LEU A 119 17.53 -1.08 -12.81
C LEU A 119 17.61 -2.48 -12.27
N ARG A 120 17.50 -2.62 -10.95
CA ARG A 120 17.56 -3.92 -10.32
C ARG A 120 16.22 -4.53 -9.86
N TYR A 121 15.11 -3.83 -10.09
CA TYR A 121 13.78 -4.27 -9.68
C TYR A 121 13.38 -5.61 -10.26
N ASN A 122 13.44 -5.75 -11.57
CA ASN A 122 13.02 -6.99 -12.19
C ASN A 122 13.78 -8.23 -11.72
N GLY A 123 15.07 -8.10 -11.47
CA GLY A 123 15.82 -9.23 -11.00
C GLY A 123 15.62 -9.48 -9.53
N LEU A 124 15.21 -8.46 -8.80
CA LEU A 124 15.05 -8.60 -7.37
C LEU A 124 13.65 -9.06 -6.97
N VAL A 125 12.64 -8.41 -7.51
CA VAL A 125 11.26 -8.70 -7.19
C VAL A 125 10.61 -9.51 -8.29
N THR A 126 10.46 -10.80 -8.06
CA THR A 126 9.86 -11.69 -9.03
C THR A 126 8.58 -12.29 -8.51
N GLY A 127 7.83 -12.88 -9.41
CA GLY A 127 6.59 -13.54 -9.11
C GLY A 127 6.75 -14.70 -8.17
N THR A 128 7.83 -15.42 -8.29
CA THR A 128 8.05 -16.57 -7.42
C THR A 128 8.40 -16.15 -6.00
N ARG A 129 9.21 -15.12 -5.86
CA ARG A 129 9.55 -14.60 -4.56
C ARG A 129 8.29 -14.02 -3.90
N ALA A 130 7.45 -13.35 -4.68
CA ALA A 130 6.22 -12.77 -4.20
C ALA A 130 5.25 -13.79 -3.63
N ALA A 131 5.01 -14.88 -4.35
CA ALA A 131 4.12 -15.93 -3.91
C ALA A 131 4.57 -16.60 -2.60
N GLY A 132 5.88 -16.72 -2.43
CA GLY A 132 6.46 -17.28 -1.25
C GLY A 132 6.27 -16.32 -0.11
N ILE A 133 6.50 -15.05 -0.37
CA ILE A 133 6.29 -14.06 0.64
C ILE A 133 4.82 -14.04 1.11
N ILE A 134 3.89 -14.10 0.18
CA ILE A 134 2.48 -14.11 0.47
C ILE A 134 2.12 -15.28 1.36
N ALA A 135 2.66 -16.44 1.05
CA ALA A 135 2.44 -17.66 1.79
C ALA A 135 2.88 -17.51 3.24
N ILE A 136 4.10 -17.01 3.39
CA ILE A 136 4.71 -16.77 4.69
C ILE A 136 3.88 -15.77 5.48
N CYS A 137 3.43 -14.72 4.84
CA CYS A 137 2.63 -13.72 5.50
C CYS A 137 1.28 -14.26 6.01
N TRP A 138 0.65 -15.15 5.27
CA TRP A 138 -0.59 -15.76 5.70
C TRP A 138 -0.34 -16.64 6.93
N VAL A 139 0.74 -17.41 6.89
CA VAL A 139 1.10 -18.25 8.03
C VAL A 139 1.31 -17.37 9.27
N LEU A 140 2.08 -16.30 9.14
CA LEU A 140 2.34 -15.36 10.22
C LEU A 140 1.06 -14.71 10.76
N SER A 141 0.12 -14.44 9.86
CA SER A 141 -1.16 -13.84 10.16
C SER A 141 -2.00 -14.75 11.04
N PHE A 142 -2.01 -16.03 10.73
CA PHE A 142 -2.70 -17.02 11.53
C PHE A 142 -2.08 -17.08 12.93
N ALA A 143 -0.77 -17.07 13.00
CA ALA A 143 -0.03 -17.09 14.25
C ALA A 143 -0.34 -15.90 15.14
N ILE A 144 -0.30 -14.73 14.56
CA ILE A 144 -0.54 -13.50 15.28
C ILE A 144 -2.01 -13.38 15.71
N GLY A 145 -2.90 -13.54 14.76
CA GLY A 145 -4.32 -13.45 14.99
C GLY A 145 -4.91 -14.47 15.94
N LEU A 146 -4.40 -15.68 15.89
CA LEU A 146 -4.86 -16.76 16.72
C LEU A 146 -3.99 -17.02 17.96
N THR A 147 -3.15 -16.05 18.30
CA THR A 147 -2.33 -16.08 19.49
C THR A 147 -3.16 -16.37 20.72
N PRO A 148 -4.37 -15.80 20.85
CA PRO A 148 -5.19 -16.16 21.98
C PRO A 148 -5.49 -17.68 22.12
N MET A 149 -5.58 -18.39 21.00
CA MET A 149 -5.81 -19.83 20.98
C MET A 149 -4.64 -20.62 21.56
N LEU A 150 -3.46 -20.04 21.51
CA LEU A 150 -2.27 -20.62 22.10
C LEU A 150 -2.22 -20.47 23.65
N GLY A 151 -3.17 -19.76 24.23
CA GLY A 151 -3.21 -19.65 25.66
C GLY A 151 -3.42 -18.30 26.28
N TRP A 152 -3.26 -17.23 25.50
CA TRP A 152 -3.47 -15.88 26.00
C TRP A 152 -4.97 -15.59 25.84
N ASN A 153 -5.74 -16.11 26.76
CA ASN A 153 -7.17 -15.96 26.76
C ASN A 153 -7.75 -15.96 28.17
N ASN A 154 -9.05 -15.76 28.26
CA ASN A 154 -9.72 -15.76 29.51
C ASN A 154 -10.53 -17.03 29.69
N CYS A 155 -10.21 -18.09 28.96
CA CYS A 155 -10.93 -19.36 29.07
C CYS A 155 -10.75 -20.04 30.40
N GLY A 156 -9.62 -19.79 31.05
CA GLY A 156 -9.34 -20.27 32.38
C GLY A 156 -10.12 -19.58 33.49
N GLN A 157 -10.78 -18.47 33.23
CA GLN A 157 -11.58 -17.76 34.19
C GLN A 157 -12.96 -17.47 33.61
N PRO A 158 -13.75 -18.50 33.35
CA PRO A 158 -15.07 -18.30 32.76
C PRO A 158 -16.03 -17.55 33.64
N LYS A 159 -16.89 -16.76 33.03
CA LYS A 159 -17.91 -16.06 33.78
C LYS A 159 -19.03 -17.07 33.97
N GLU A 160 -19.00 -17.82 35.06
CA GLU A 160 -19.98 -18.86 35.31
C GLU A 160 -21.36 -18.31 35.66
N GLY A 161 -21.43 -17.14 36.23
CA GLY A 161 -22.72 -16.56 36.48
C GLY A 161 -23.43 -16.31 35.17
N LYS A 162 -22.77 -15.66 34.23
CA LYS A 162 -23.32 -15.38 32.92
C LYS A 162 -23.66 -16.66 32.16
N ALA A 163 -22.81 -17.66 32.25
CA ALA A 163 -23.06 -18.91 31.57
C ALA A 163 -24.31 -19.62 32.14
N HIS A 164 -24.47 -19.60 33.46
CA HIS A 164 -25.62 -20.25 34.09
C HIS A 164 -26.90 -19.54 33.83
N SER A 165 -26.85 -18.24 33.77
CA SER A 165 -28.03 -17.49 33.48
C SER A 165 -28.55 -17.73 32.06
N GLN A 166 -27.67 -18.01 31.11
CA GLN A 166 -28.08 -18.29 29.76
C GLN A 166 -28.34 -19.76 29.53
N GLY A 167 -28.22 -20.58 30.54
CA GLY A 167 -28.47 -21.97 30.36
C GLY A 167 -27.40 -22.70 29.62
N CYS A 168 -26.18 -22.17 29.64
CA CYS A 168 -25.10 -22.83 28.95
C CYS A 168 -24.73 -24.12 29.62
N GLY A 169 -24.25 -25.06 28.83
CA GLY A 169 -23.83 -26.32 29.35
C GLY A 169 -22.49 -26.32 30.05
N GLU A 170 -22.12 -27.45 30.60
CA GLU A 170 -20.88 -27.50 31.30
C GLU A 170 -19.75 -27.45 30.32
N GLY A 171 -18.78 -26.62 30.64
CA GLY A 171 -17.63 -26.41 29.79
C GLY A 171 -17.87 -25.33 28.76
N GLN A 172 -19.02 -24.67 28.83
CA GLN A 172 -19.39 -23.63 27.90
C GLN A 172 -19.49 -22.29 28.57
N VAL A 173 -19.33 -21.25 27.78
CA VAL A 173 -19.47 -19.88 28.20
C VAL A 173 -20.33 -19.15 27.20
N ALA A 174 -20.84 -18.01 27.61
CA ALA A 174 -21.55 -17.14 26.72
C ALA A 174 -20.45 -16.55 25.83
N CYS A 175 -20.55 -16.73 24.53
CA CYS A 175 -19.52 -16.28 23.63
C CYS A 175 -19.58 -14.80 23.32
N LEU A 176 -18.82 -14.04 24.09
CA LEU A 176 -18.69 -12.61 24.00
C LEU A 176 -17.24 -12.18 23.85
N PHE A 177 -16.94 -11.35 22.84
CA PHE A 177 -15.60 -10.89 22.53
C PHE A 177 -14.76 -10.49 23.72
N GLU A 178 -15.26 -9.57 24.51
CA GLU A 178 -14.55 -9.08 25.66
C GLU A 178 -14.48 -10.02 26.86
N ASP A 179 -15.22 -11.12 26.85
CA ASP A 179 -15.16 -12.08 27.90
C ASP A 179 -14.04 -13.08 27.64
N VAL A 180 -13.80 -13.41 26.39
CA VAL A 180 -12.78 -14.38 26.03
C VAL A 180 -11.44 -13.83 25.54
N VAL A 181 -11.42 -12.71 24.85
CA VAL A 181 -10.20 -12.12 24.37
C VAL A 181 -9.69 -11.09 25.39
N PRO A 182 -8.50 -11.29 25.95
CA PRO A 182 -7.94 -10.32 26.90
C PRO A 182 -7.63 -8.99 26.23
N MET A 183 -7.96 -7.87 26.86
CA MET A 183 -7.71 -6.56 26.32
C MET A 183 -6.23 -6.19 26.26
N ASN A 184 -5.40 -6.79 27.10
CA ASN A 184 -3.97 -6.53 27.04
C ASN A 184 -3.41 -7.07 25.72
N TYR A 185 -3.89 -8.22 25.27
CA TYR A 185 -3.54 -8.78 23.98
C TYR A 185 -3.98 -7.84 22.89
N MET A 186 -5.21 -7.38 22.95
CA MET A 186 -5.81 -6.51 21.98
C MET A 186 -5.10 -5.18 21.83
N VAL A 187 -4.74 -4.57 22.95
CA VAL A 187 -4.08 -3.29 22.97
C VAL A 187 -2.55 -3.32 22.73
N TYR A 188 -1.81 -4.03 23.56
CA TYR A 188 -0.37 -4.11 23.45
C TYR A 188 0.18 -4.98 22.32
N PHE A 189 -0.35 -6.18 22.18
CA PHE A 189 0.12 -7.11 21.17
C PHE A 189 -0.48 -6.83 19.80
N ASN A 190 -1.78 -6.85 19.71
CA ASN A 190 -2.44 -6.61 18.47
C ASN A 190 -2.36 -5.15 17.97
N PHE A 191 -2.87 -4.20 18.71
CA PHE A 191 -2.87 -2.82 18.28
C PHE A 191 -1.49 -2.18 18.15
N PHE A 192 -0.78 -2.02 19.25
CA PHE A 192 0.53 -1.37 19.28
C PHE A 192 1.59 -2.07 18.43
N ALA A 193 1.84 -3.32 18.73
CA ALA A 193 2.85 -4.10 18.05
C ALA A 193 2.56 -4.51 16.60
N CYS A 194 1.42 -5.12 16.37
CA CYS A 194 1.11 -5.66 15.06
C CYS A 194 0.32 -4.79 14.07
N VAL A 195 -0.29 -3.73 14.54
CA VAL A 195 -1.03 -2.84 13.67
C VAL A 195 -0.38 -1.48 13.60
N LEU A 196 -0.24 -0.83 14.75
CA LEU A 196 0.40 0.48 14.83
CA LEU A 196 0.40 0.48 14.83
C LEU A 196 1.86 0.72 14.21
N VAL A 197 2.71 -0.19 14.64
CA VAL A 197 4.10 -0.21 14.23
C VAL A 197 4.23 -0.44 12.71
N PRO A 198 3.57 -1.48 12.17
CA PRO A 198 3.62 -1.66 10.73
C PRO A 198 3.03 -0.45 9.99
N LEU A 199 1.96 0.13 10.46
CA LEU A 199 1.41 1.29 9.81
C LEU A 199 2.42 2.48 9.80
N LEU A 200 3.11 2.70 10.90
CA LEU A 200 4.11 3.75 11.00
C LEU A 200 5.27 3.48 10.03
N LEU A 201 5.65 2.23 9.89
CA LEU A 201 6.68 1.82 8.98
C LEU A 201 6.24 2.14 7.59
N MET A 202 5.01 1.82 7.26
CA MET A 202 4.41 2.11 5.99
C MET A 202 4.48 3.60 5.71
N LEU A 203 4.18 4.42 6.70
CA LEU A 203 4.27 5.86 6.56
C LEU A 203 5.70 6.26 6.19
N GLY A 204 6.67 5.69 6.86
CA GLY A 204 8.06 5.93 6.60
C GLY A 204 8.47 5.58 5.19
N VAL A 205 8.01 4.46 4.70
CA VAL A 205 8.28 4.04 3.35
C VAL A 205 7.67 5.00 2.34
N TYR A 206 6.44 5.41 2.56
CA TYR A 206 5.80 6.33 1.66
C TYR A 206 6.56 7.65 1.62
N LEU A 207 6.98 8.14 2.77
CA LEU A 207 7.75 9.35 2.83
C LEU A 207 9.01 9.23 2.00
N ARG A 208 9.70 8.12 2.09
CA ARG A 208 10.90 7.91 1.33
C ARG A 208 10.63 7.77 -0.16
N ILE A 209 9.48 7.23 -0.50
CA ILE A 209 9.11 7.07 -1.88
C ILE A 209 8.85 8.43 -2.51
N PHE A 210 8.12 9.27 -1.84
CA PHE A 210 7.82 10.57 -2.35
C PHE A 210 9.06 11.47 -2.41
N ALA A 211 9.98 11.27 -1.48
CA ALA A 211 11.21 12.04 -1.46
C ALA A 211 12.14 11.63 -2.58
N ALA A 212 12.23 10.35 -2.86
CA ALA A 212 13.04 9.82 -3.91
C ALA A 212 12.53 10.29 -5.26
N ALA A 213 11.22 10.32 -5.41
CA ALA A 213 10.61 10.73 -6.63
C ALA A 213 10.86 12.19 -6.88
N ARG A 214 10.69 12.98 -5.84
CA ARG A 214 10.94 14.44 -5.90
CA ARG A 214 10.94 14.43 -5.92
C ARG A 214 12.39 15.05 -6.21
N ARG A 215 13.23 14.13 -5.80
CA ARG A 215 14.66 14.27 -5.92
C ARG A 215 15.14 13.86 -7.30
N GLN A 216 14.51 12.84 -7.85
CA GLN A 216 14.88 12.39 -9.13
C GLN A 216 14.36 13.33 -10.15
N LEU A 217 13.12 13.77 -9.98
CA LEU A 217 12.50 14.70 -10.92
C LEU A 217 13.18 16.07 -10.87
N ALA A 218 13.78 16.71 -9.78
CA ALA A 218 14.65 17.86 -9.64
C ALA A 218 15.98 17.64 -10.36
N ASP A 219 16.52 16.42 -10.19
CA ASP A 219 17.77 16.08 -10.82
C ASP A 219 17.62 16.06 -12.34
N LEU A 220 16.51 15.59 -12.85
CA LEU A 220 16.33 15.60 -14.27
C LEU A 220 16.33 17.02 -14.77
N GLU A 221 15.61 17.90 -14.09
CA GLU A 221 15.55 19.29 -14.53
C GLU A 221 16.89 19.96 -14.37
N ASP A 222 17.65 19.60 -13.35
CA ASP A 222 18.93 20.22 -13.17
C ASP A 222 19.83 19.91 -14.35
N ASN A 223 19.93 18.65 -14.72
CA ASN A 223 20.76 18.25 -15.84
C ASN A 223 20.40 19.00 -17.12
N TRP A 224 19.10 19.12 -17.37
CA TRP A 224 18.60 19.81 -18.50
C TRP A 224 19.00 21.27 -18.42
N GLU A 225 18.82 21.86 -17.28
CA GLU A 225 19.16 23.25 -17.11
C GLU A 225 20.64 23.49 -17.32
N THR A 226 21.46 22.56 -16.87
CA THR A 226 22.88 22.60 -17.03
C THR A 226 23.31 22.50 -18.50
N LEU A 227 22.54 21.81 -19.33
CA LEU A 227 22.86 21.68 -20.70
C LEU A 227 22.53 22.98 -21.42
N ASN A 228 21.49 23.65 -20.99
CA ASN A 228 21.07 24.88 -21.62
C ASN A 228 21.90 26.08 -21.22
N ASP A 229 22.24 26.18 -19.96
CA ASP A 229 23.03 27.30 -19.46
C ASP A 229 24.46 27.23 -19.96
N ASN A 230 25.04 26.04 -20.01
CA ASN A 230 26.39 25.88 -20.51
C ASN A 230 26.50 26.13 -22.03
N LEU A 231 25.40 25.99 -22.73
CA LEU A 231 25.35 26.27 -24.13
C LEU A 231 25.51 27.77 -24.28
N LYS A 232 24.71 28.53 -23.55
CA LYS A 232 24.72 29.99 -23.58
C LYS A 232 26.09 30.51 -23.20
N VAL A 233 26.73 29.90 -22.18
CA VAL A 233 28.08 30.28 -21.74
C VAL A 233 29.08 30.12 -22.91
N ILE A 234 28.92 29.09 -23.70
CA ILE A 234 29.77 28.81 -24.84
C ILE A 234 29.58 29.87 -25.93
N GLU A 235 28.35 30.27 -26.18
CA GLU A 235 27.99 31.30 -27.13
C GLU A 235 28.54 32.68 -26.81
N LYS A 236 28.62 33.02 -25.54
CA LYS A 236 29.11 34.32 -25.08
C LYS A 236 30.60 34.32 -24.69
N ALA A 237 31.31 33.19 -24.83
CA ALA A 237 32.71 33.12 -24.46
C ALA A 237 33.61 33.91 -25.43
N ASP A 238 34.76 34.28 -24.90
CA ASP A 238 35.76 35.04 -25.61
C ASP A 238 37.00 34.22 -25.93
N ASN A 239 37.30 33.20 -25.13
CA ASN A 239 38.47 32.40 -25.42
C ASN A 239 38.18 30.93 -25.42
N ALA A 240 39.18 30.14 -25.80
CA ALA A 240 39.05 28.71 -25.85
C ALA A 240 38.85 28.16 -24.46
N ALA A 241 39.57 28.67 -23.49
CA ALA A 241 39.45 28.15 -22.14
C ALA A 241 38.05 28.21 -21.55
N GLN A 242 37.28 29.23 -21.89
CA GLN A 242 35.96 29.33 -21.32
C GLN A 242 35.09 28.28 -21.97
N VAL A 243 35.32 28.08 -23.25
CA VAL A 243 34.57 27.10 -24.01
C VAL A 243 34.93 25.73 -23.48
N LYS A 244 36.20 25.51 -23.19
CA LYS A 244 36.61 24.22 -22.68
C LYS A 244 36.01 23.96 -21.32
N ASP A 245 35.71 25.00 -20.58
CA ASP A 245 35.17 24.85 -19.25
C ASP A 245 33.75 24.38 -19.31
N ALA A 246 32.96 25.06 -20.11
CA ALA A 246 31.56 24.77 -20.24
C ALA A 246 31.21 23.43 -20.89
N LEU A 247 32.12 22.89 -21.68
CA LEU A 247 31.88 21.63 -22.36
C LEU A 247 32.26 20.45 -21.50
N THR A 248 33.26 20.63 -20.66
CA THR A 248 33.73 19.60 -19.75
C THR A 248 32.65 19.33 -18.73
N LYS A 249 31.98 20.38 -18.32
CA LYS A 249 30.90 20.30 -17.40
C LYS A 249 29.79 19.58 -18.12
N MET A 250 29.55 19.97 -19.37
CA MET A 250 28.48 19.39 -20.17
C MET A 250 28.66 17.91 -20.43
N ARG A 251 29.89 17.49 -20.61
CA ARG A 251 30.13 16.12 -20.87
C ARG A 251 29.82 15.29 -19.65
N ALA A 252 30.12 15.81 -18.48
CA ALA A 252 29.86 15.08 -17.25
C ALA A 252 28.38 14.92 -17.09
N ALA A 253 27.63 15.98 -17.31
CA ALA A 253 26.17 15.97 -17.20
C ALA A 253 25.40 15.22 -18.29
N ALA A 254 26.08 14.82 -19.36
CA ALA A 254 25.43 14.07 -20.41
C ALA A 254 25.51 12.64 -19.98
N LEU A 255 26.63 12.24 -19.45
CA LEU A 255 26.83 10.90 -18.98
C LEU A 255 26.00 10.53 -17.77
N ASP A 256 25.82 11.46 -16.86
CA ASP A 256 25.04 11.27 -15.67
C ASP A 256 23.65 10.94 -16.08
N ALA A 257 23.10 11.72 -16.99
CA ALA A 257 21.75 11.52 -17.51
C ALA A 257 21.56 10.22 -18.32
N GLN A 258 22.65 9.69 -18.87
CA GLN A 258 22.64 8.47 -19.63
C GLN A 258 23.07 7.30 -18.77
N LYS A 259 22.98 7.43 -17.45
CA LYS A 259 23.39 6.34 -16.59
C LYS A 259 22.23 5.41 -16.23
N ARG A 279 19.58 6.12 -26.62
CA ARG A 279 20.93 5.53 -26.62
C ARG A 279 21.69 6.19 -27.77
N HIS A 280 21.12 6.15 -28.96
CA HIS A 280 21.73 6.79 -30.10
C HIS A 280 21.93 8.27 -29.81
N GLY A 281 20.87 8.92 -29.34
CA GLY A 281 20.90 10.32 -29.04
C GLY A 281 21.96 10.76 -28.06
N PHE A 282 22.25 9.94 -27.08
CA PHE A 282 23.25 10.30 -26.09
C PHE A 282 24.65 10.04 -26.61
N ASP A 283 24.77 9.08 -27.52
CA ASP A 283 26.03 8.73 -28.14
C ASP A 283 26.40 9.92 -28.99
N ILE A 284 25.43 10.45 -29.70
CA ILE A 284 25.62 11.60 -30.55
C ILE A 284 25.98 12.82 -29.73
N LEU A 285 25.28 13.04 -28.63
CA LEU A 285 25.52 14.18 -27.79
C LEU A 285 26.91 14.23 -27.23
N VAL A 286 27.37 13.14 -26.67
CA VAL A 286 28.68 13.10 -26.08
C VAL A 286 29.73 13.23 -27.15
N GLY A 287 29.50 12.58 -28.28
CA GLY A 287 30.40 12.66 -29.40
C GLY A 287 30.55 14.08 -29.88
N GLN A 288 29.46 14.79 -29.95
CA GLN A 288 29.50 16.16 -30.39
C GLN A 288 30.22 17.09 -29.44
N ILE A 289 30.14 16.80 -28.15
CA ILE A 289 30.78 17.58 -27.13
C ILE A 289 32.28 17.35 -27.27
N ASP A 290 32.64 16.12 -27.52
CA ASP A 290 34.03 15.73 -27.73
C ASP A 290 34.61 16.43 -28.96
N ASP A 291 33.82 16.58 -30.01
CA ASP A 291 34.23 17.26 -31.21
C ASP A 291 34.59 18.68 -30.85
N ALA A 292 33.69 19.32 -30.12
CA ALA A 292 33.84 20.71 -29.71
C ALA A 292 34.99 20.90 -28.76
N LEU A 293 35.19 19.96 -27.88
CA LEU A 293 36.27 20.04 -26.91
C LEU A 293 37.62 19.95 -27.58
N LYS A 294 37.75 19.12 -28.58
CA LYS A 294 39.00 18.97 -29.27
C LYS A 294 39.34 20.26 -29.97
N LEU A 295 38.34 20.88 -30.58
CA LEU A 295 38.55 22.15 -31.27
C LEU A 295 38.97 23.23 -30.28
N ALA A 296 38.31 23.26 -29.09
CA ALA A 296 38.63 24.20 -28.03
C ALA A 296 40.03 23.97 -27.41
N ASN A 297 40.54 22.74 -27.44
CA ASN A 297 41.87 22.44 -26.92
C ASN A 297 42.97 22.89 -27.91
N GLU A 298 42.63 22.97 -29.17
CA GLU A 298 43.52 23.49 -30.21
C GLU A 298 43.52 25.05 -30.28
N GLY A 299 42.73 25.71 -29.45
CA GLY A 299 42.63 27.16 -29.41
C GLY A 299 41.64 27.76 -30.39
N LYS A 300 41.02 26.94 -31.25
CA LYS A 300 40.09 27.41 -32.26
C LYS A 300 38.71 27.70 -31.64
N VAL A 301 38.50 28.94 -31.17
CA VAL A 301 37.27 29.33 -30.50
C VAL A 301 36.03 29.30 -31.43
N LYS A 302 36.06 30.02 -32.56
CA LYS A 302 34.92 30.11 -33.48
C LYS A 302 34.48 28.76 -34.01
N GLU A 303 35.43 27.86 -34.29
CA GLU A 303 35.09 26.56 -34.80
C GLU A 303 34.41 25.72 -33.71
N ALA A 304 34.92 25.80 -32.47
CA ALA A 304 34.33 25.07 -31.33
C ALA A 304 32.92 25.58 -31.04
N GLN A 305 32.70 26.88 -31.13
CA GLN A 305 31.40 27.44 -30.92
C GLN A 305 30.42 26.97 -31.99
N ALA A 306 30.82 26.97 -33.25
CA ALA A 306 29.92 26.49 -34.27
C ALA A 306 29.61 25.02 -34.04
N ALA A 307 30.59 24.30 -33.54
CA ALA A 307 30.45 22.87 -33.28
C ALA A 307 29.53 22.60 -32.12
N ALA A 308 29.51 23.51 -31.17
CA ALA A 308 28.68 23.42 -30.01
C ALA A 308 27.25 23.73 -30.39
N GLU A 309 27.07 24.47 -31.48
CA GLU A 309 25.74 24.82 -31.94
C GLU A 309 24.97 23.63 -32.48
N GLN A 310 25.69 22.64 -32.98
CA GLN A 310 25.07 21.44 -33.52
C GLN A 310 24.43 20.60 -32.44
N LEU A 311 24.82 20.85 -31.20
CA LEU A 311 24.30 20.18 -30.03
C LEU A 311 22.84 20.47 -29.90
N LYS A 312 22.41 21.68 -30.27
CA LYS A 312 21.00 22.05 -30.20
C LYS A 312 20.12 21.11 -31.00
N THR A 313 20.55 20.70 -32.16
CA THR A 313 19.81 19.77 -32.95
C THR A 313 19.67 18.44 -32.22
N THR A 314 20.69 17.97 -31.52
CA THR A 314 20.58 16.72 -30.80
C THR A 314 19.66 16.85 -29.60
N ARG A 315 19.62 18.03 -29.01
CA ARG A 315 18.79 18.29 -27.87
C ARG A 315 17.34 18.32 -28.32
N ASN A 316 17.05 19.06 -29.36
CA ASN A 316 15.70 19.16 -29.81
C ASN A 316 15.05 17.84 -30.20
N ALA A 317 15.75 16.99 -30.91
CA ALA A 317 15.13 15.77 -31.38
C ALA A 317 15.43 14.49 -30.66
N TYR A 318 16.24 14.56 -29.63
CA TYR A 318 16.55 13.36 -28.87
C TYR A 318 16.49 13.59 -27.36
N ILE A 319 17.40 14.40 -26.85
CA ILE A 319 17.45 14.64 -25.44
C ILE A 319 16.17 15.13 -24.82
N GLN A 320 15.46 16.04 -25.47
CA GLN A 320 14.21 16.54 -24.91
C GLN A 320 13.15 15.47 -24.82
N LYS A 321 13.19 14.53 -25.73
CA LYS A 321 12.26 13.40 -25.72
C LYS A 321 12.57 12.44 -24.57
N TYR A 322 13.87 12.27 -24.24
CA TYR A 322 14.27 11.44 -23.10
C TYR A 322 13.76 12.10 -21.81
N LEU A 323 13.99 13.42 -21.65
CA LEU A 323 13.55 14.18 -20.48
C LEU A 323 12.04 14.04 -20.27
N GLU A 324 11.23 14.25 -21.32
CA GLU A 324 9.78 14.15 -21.25
C GLU A 324 9.30 12.73 -20.88
N ARG A 325 9.94 11.69 -21.42
CA ARG A 325 9.56 10.31 -21.09
C ARG A 325 9.98 9.93 -19.68
N ALA A 326 11.16 10.37 -19.24
CA ALA A 326 11.62 10.05 -17.88
C ALA A 326 10.76 10.74 -16.84
N ARG A 327 10.33 11.98 -17.11
CA ARG A 327 9.45 12.75 -16.24
C ARG A 327 8.06 12.12 -16.18
N SER A 328 7.57 11.64 -17.32
CA SER A 328 6.27 10.99 -17.45
C SER A 328 6.27 9.66 -16.69
N THR A 329 7.40 8.93 -16.71
CA THR A 329 7.51 7.68 -15.97
C THR A 329 7.51 7.97 -14.46
N LEU A 330 8.18 9.02 -14.03
CA LEU A 330 8.21 9.38 -12.63
C LEU A 330 6.84 9.83 -12.11
N GLN A 331 6.13 10.64 -12.85
CA GLN A 331 4.79 11.11 -12.47
C GLN A 331 3.84 9.94 -12.31
N LYS A 332 3.94 8.93 -13.21
CA LYS A 332 3.12 7.73 -13.12
C LYS A 332 3.44 6.96 -11.87
N GLU A 333 4.71 6.92 -11.49
CA GLU A 333 5.09 6.27 -10.28
C GLU A 333 4.56 7.04 -9.05
N VAL A 334 4.60 8.35 -9.07
CA VAL A 334 4.04 9.14 -7.96
C VAL A 334 2.51 8.89 -7.87
N HIS A 335 1.81 8.88 -9.02
CA HIS A 335 0.37 8.60 -9.04
C HIS A 335 0.06 7.20 -8.48
N ALA A 336 0.84 6.18 -8.90
CA ALA A 336 0.63 4.83 -8.40
C ALA A 336 0.97 4.72 -6.91
N ALA A 337 1.96 5.47 -6.45
CA ALA A 337 2.33 5.44 -5.05
C ALA A 337 1.28 6.12 -4.19
N LYS A 338 0.68 7.18 -4.70
CA LYS A 338 -0.39 7.88 -4.01
C LYS A 338 -1.62 6.98 -3.90
N SER A 339 -1.94 6.24 -4.98
CA SER A 339 -3.07 5.31 -4.96
C SER A 339 -2.87 4.23 -3.89
N ALA A 340 -1.67 3.69 -3.78
CA ALA A 340 -1.37 2.71 -2.79
C ALA A 340 -1.43 3.30 -1.38
N ALA A 341 -0.94 4.51 -1.21
CA ALA A 341 -0.94 5.17 0.07
C ALA A 341 -2.35 5.46 0.58
N ILE A 342 -3.24 5.77 -0.33
CA ILE A 342 -4.60 6.05 0.00
C ILE A 342 -5.27 4.80 0.59
N ILE A 343 -5.02 3.65 -0.01
CA ILE A 343 -5.49 2.36 0.42
C ILE A 343 -5.03 2.07 1.87
N ALA A 344 -3.78 2.34 2.13
CA ALA A 344 -3.22 2.14 3.44
C ALA A 344 -3.82 3.13 4.45
N GLY A 345 -4.03 4.35 4.02
CA GLY A 345 -4.59 5.38 4.85
C GLY A 345 -6.01 5.04 5.22
N LEU A 346 -6.74 4.52 4.26
CA LEU A 346 -8.12 4.11 4.44
C LEU A 346 -8.26 2.96 5.44
N PHE A 347 -7.33 2.03 5.40
CA PHE A 347 -7.28 0.92 6.32
C PHE A 347 -7.12 1.47 7.74
N ALA A 348 -6.22 2.41 7.90
CA ALA A 348 -5.97 3.04 9.18
C ALA A 348 -7.22 3.77 9.67
N LEU A 349 -7.83 4.52 8.81
CA LEU A 349 -9.03 5.27 9.14
C LEU A 349 -10.20 4.37 9.55
N CYS A 350 -10.39 3.27 8.86
CA CYS A 350 -11.45 2.36 9.15
C CYS A 350 -11.26 1.54 10.42
N TRP A 351 -10.04 1.19 10.74
CA TRP A 351 -9.74 0.39 11.90
C TRP A 351 -9.43 1.13 13.18
N LEU A 352 -8.87 2.31 13.07
CA LEU A 352 -8.50 3.09 14.25
C LEU A 352 -9.57 3.31 15.32
N PRO A 353 -10.80 3.68 14.94
CA PRO A 353 -11.85 3.90 15.93
C PRO A 353 -12.04 2.69 16.85
N LEU A 354 -12.11 1.50 16.28
CA LEU A 354 -12.25 0.27 17.04
C LEU A 354 -11.06 0.04 17.98
N HIS A 355 -9.87 0.22 17.49
CA HIS A 355 -8.70 0.10 18.32
C HIS A 355 -8.69 1.12 19.45
N ILE A 356 -9.06 2.35 19.15
CA ILE A 356 -9.12 3.42 20.12
C ILE A 356 -10.12 3.10 21.22
N ILE A 357 -11.26 2.55 20.84
CA ILE A 357 -12.28 2.14 21.78
C ILE A 357 -11.70 1.06 22.71
N ASN A 358 -10.98 0.11 22.16
CA ASN A 358 -10.35 -0.92 22.94
C ASN A 358 -9.36 -0.27 23.95
N CYS A 359 -8.64 0.74 23.54
CA CYS A 359 -7.74 1.45 24.42
C CYS A 359 -8.49 2.07 25.64
N PHE A 360 -9.62 2.70 25.40
CA PHE A 360 -10.44 3.29 26.44
C PHE A 360 -10.93 2.22 27.43
N THR A 361 -11.47 1.12 26.92
CA THR A 361 -11.92 -0.01 27.69
C THR A 361 -10.81 -0.53 28.61
N PHE A 362 -9.63 -0.68 28.04
CA PHE A 362 -8.46 -1.19 28.75
C PHE A 362 -7.78 -0.20 29.70
N PHE A 363 -7.39 0.94 29.20
CA PHE A 363 -6.69 1.95 29.97
C PHE A 363 -7.52 2.74 30.96
N CYS A 364 -8.81 2.84 30.74
CA CYS A 364 -9.66 3.60 31.61
C CYS A 364 -10.78 2.81 32.22
N PRO A 365 -10.52 2.04 33.25
CA PRO A 365 -11.56 1.26 33.92
C PRO A 365 -12.59 2.09 34.69
N ASP A 366 -12.32 3.37 34.97
CA ASP A 366 -13.23 4.28 35.61
C ASP A 366 -14.16 4.95 34.63
N CYS A 367 -13.87 4.81 33.35
CA CYS A 367 -14.68 5.36 32.30
C CYS A 367 -15.79 4.35 31.97
N SER A 368 -16.96 4.86 31.67
CA SER A 368 -18.02 3.98 31.29
C SER A 368 -17.65 3.37 29.94
N HIS A 369 -18.04 2.13 29.76
CA HIS A 369 -17.77 1.44 28.53
C HIS A 369 -18.50 2.13 27.43
N ALA A 370 -17.87 2.24 26.28
CA ALA A 370 -18.47 2.74 25.08
C ALA A 370 -19.83 2.05 24.82
N PRO A 371 -20.86 2.83 24.50
CA PRO A 371 -22.15 2.20 24.32
C PRO A 371 -22.23 1.19 23.17
N LEU A 372 -23.14 0.26 23.29
CA LEU A 372 -23.35 -0.75 22.31
C LEU A 372 -23.52 -0.25 20.89
N TRP A 373 -24.27 0.82 20.68
CA TRP A 373 -24.46 1.39 19.38
C TRP A 373 -23.13 1.84 18.72
N LEU A 374 -22.24 2.39 19.52
CA LEU A 374 -20.93 2.84 19.10
C LEU A 374 -20.03 1.63 18.78
N MET A 375 -20.13 0.59 19.58
CA MET A 375 -19.40 -0.62 19.31
C MET A 375 -19.79 -1.12 17.94
N TYR A 376 -21.08 -1.24 17.70
CA TYR A 376 -21.60 -1.73 16.43
C TYR A 376 -21.09 -0.87 15.26
N LEU A 377 -21.12 0.44 15.44
CA LEU A 377 -20.67 1.39 14.46
C LEU A 377 -19.19 1.24 14.16
N ALA A 378 -18.38 1.10 15.20
CA ALA A 378 -16.96 0.92 15.08
C ALA A 378 -16.63 -0.40 14.33
N ILE A 379 -17.35 -1.46 14.65
CA ILE A 379 -17.18 -2.76 14.03
C ILE A 379 -17.53 -2.70 12.54
N VAL A 380 -18.67 -2.10 12.26
CA VAL A 380 -19.16 -1.94 10.92
C VAL A 380 -18.18 -1.13 10.05
N LEU A 381 -17.61 -0.09 10.63
CA LEU A 381 -16.66 0.75 9.94
C LEU A 381 -15.41 -0.05 9.59
N ALA A 382 -14.96 -0.86 10.52
CA ALA A 382 -13.84 -1.72 10.31
C ALA A 382 -14.11 -2.67 9.14
N HIS A 383 -15.28 -3.28 9.11
CA HIS A 383 -15.72 -4.20 8.06
C HIS A 383 -15.85 -3.51 6.69
N THR A 384 -16.24 -2.25 6.69
CA THR A 384 -16.39 -1.40 5.51
C THR A 384 -15.09 -1.24 4.73
N ASN A 385 -13.98 -1.36 5.41
CA ASN A 385 -12.69 -1.29 4.78
C ASN A 385 -12.52 -2.34 3.68
N SER A 386 -13.14 -3.48 3.85
CA SER A 386 -13.21 -4.55 2.90
C SER A 386 -14.04 -4.26 1.63
N VAL A 387 -14.73 -3.13 1.61
CA VAL A 387 -15.52 -2.72 0.48
C VAL A 387 -14.77 -1.69 -0.37
N VAL A 388 -14.02 -0.82 0.27
CA VAL A 388 -13.39 0.29 -0.38
C VAL A 388 -12.30 0.11 -1.42
N ASN A 389 -11.41 -0.85 -1.27
CA ASN A 389 -10.33 -1.01 -2.27
C ASN A 389 -10.72 -1.05 -3.77
N PRO A 390 -11.67 -1.89 -4.18
CA PRO A 390 -12.12 -1.94 -5.56
C PRO A 390 -12.54 -0.57 -6.11
N PHE A 391 -13.12 0.27 -5.29
CA PHE A 391 -13.50 1.61 -5.71
C PHE A 391 -12.26 2.45 -5.95
N ILE A 392 -11.30 2.39 -5.05
CA ILE A 392 -10.08 3.14 -5.22
C ILE A 392 -9.33 2.73 -6.49
N TYR A 393 -9.30 1.44 -6.80
CA TYR A 393 -8.66 0.97 -8.02
C TYR A 393 -9.40 1.50 -9.23
N ALA A 394 -10.72 1.41 -9.20
CA ALA A 394 -11.55 1.88 -10.28
C ALA A 394 -11.37 3.34 -10.59
N TYR A 395 -11.32 4.18 -9.56
CA TYR A 395 -11.14 5.60 -9.74
C TYR A 395 -9.74 6.08 -10.06
N ARG A 396 -8.73 5.38 -9.58
CA ARG A 396 -7.36 5.83 -9.77
C ARG A 396 -6.49 5.04 -10.71
N ILE A 397 -6.88 3.86 -11.06
CA ILE A 397 -6.03 3.07 -11.88
C ILE A 397 -6.78 2.72 -13.11
N ARG A 398 -6.40 3.31 -14.25
CA ARG A 398 -7.05 3.07 -15.56
C ARG A 398 -7.24 1.63 -16.23
N GLU A 399 -6.20 0.85 -15.97
CA GLU A 399 -6.15 -0.51 -16.44
C GLU A 399 -7.11 -1.40 -15.67
N PHE A 400 -7.36 -1.11 -14.41
CA PHE A 400 -8.31 -1.87 -13.61
C PHE A 400 -9.70 -1.45 -14.04
N ARG A 401 -9.89 -0.16 -14.08
CA ARG A 401 -11.13 0.45 -14.49
C ARG A 401 -11.62 -0.09 -15.84
N GLN A 402 -10.77 -0.08 -16.85
CA GLN A 402 -11.09 -0.59 -18.18
C GLN A 402 -11.44 -2.05 -18.15
N THR A 403 -10.73 -2.81 -17.34
CA THR A 403 -10.99 -4.23 -17.19
C THR A 403 -12.27 -4.50 -16.43
N PHE A 404 -12.60 -3.66 -15.47
CA PHE A 404 -13.82 -3.80 -14.72
C PHE A 404 -14.99 -3.62 -15.72
N ARG A 405 -14.91 -2.58 -16.55
CA ARG A 405 -15.94 -2.30 -17.56
C ARG A 405 -16.14 -3.47 -18.50
N LYS A 406 -15.06 -4.05 -18.96
CA LYS A 406 -15.14 -5.19 -19.83
C LYS A 406 -15.79 -6.36 -19.18
N ILE A 407 -15.40 -6.66 -17.96
CA ILE A 407 -15.97 -7.79 -17.26
C ILE A 407 -17.45 -7.55 -17.06
N ILE A 408 -17.79 -6.34 -16.65
CA ILE A 408 -19.16 -5.99 -16.39
C ILE A 408 -19.93 -6.00 -17.72
N ARG A 409 -19.41 -5.35 -18.74
CA ARG A 409 -20.10 -5.34 -20.04
C ARG A 409 -20.33 -6.75 -20.58
N SER A 410 -19.26 -7.50 -20.80
CA SER A 410 -19.33 -8.87 -21.29
C SER A 410 -20.29 -9.71 -20.50
#